data_4N6H
#
_entry.id   4N6H
#
_cell.length_a   86.230
_cell.length_b   72.851
_cell.length_c   84.408
_cell.angle_alpha   90.00
_cell.angle_beta   107.48
_cell.angle_gamma   90.00
#
_symmetry.space_group_name_H-M   'C 1 2 1'
#
loop_
_entity.id
_entity.type
_entity.pdbx_description
1 polymer 'Soluble cytochrome b562, Delta-type opioid receptor chimeric protein'
2 non-polymer 'OLEIC ACID'
3 non-polymer '(2R)-2,3-dihydroxypropyl (9Z)-octadec-9-enoate'
4 non-polymer 'TRIETHYLENE GLYCOL'
5 non-polymer 'L(+)-TARTARIC ACID'
6 non-polymer (4bS,8R,8aS,14bR)-7-(cyclopropylmethyl)-5,6,7,8,14,14b-hexahydro-4,8-methano[1]benzofuro[2,3-a]pyrido[4,3-b]carbazole-1,8a(9H)-diol
7 non-polymer 'SODIUM ION'
8 water water
#
_entity_poly.entity_id   1
_entity_poly.type   'polypeptide(L)'
_entity_poly.pdbx_seq_one_letter_code
;GGTTMADLEDNWETLNDNLKVIEKADNAAQVKDALTKMRAAALDAQKATPPKLEDKSPDSPEMKDFRHGFDILVGQIDDA
LKLANEGKVKEAQAAAEQLKTTRNAYIQKYLGSPGARSASSLALAIAITALYSAVCAVGLLGNVLVMFGIVRYTKMKTAT
NIYIFNLALADALATSTLPFQSAKYLMETWPFGELLCKAVLSIDYYNMFTSIFTLTMMSVDRYIAVCHPVKALDFRTPAK
AKLINICIWVLASGVGVPIMVMAVTRPRDGAVVCMLQFPSPSWYWDTVTKICVFLFAFVVPILIITVCYGLMLLRLRSVR
LLSGSKEKDRSLRRITRMVLVVVGAFVVCWAPIHIFVIVWTLVDIDRRDPLVVAALHLCIALGYANSSLNPVLYAFLDEN
FKRCFRQLCRKPCG
;
_entity_poly.pdbx_strand_id   A
#
loop_
_chem_comp.id
_chem_comp.type
_chem_comp.name
_chem_comp.formula
EJ4 non-polymer (4bS,8R,8aS,14bR)-7-(cyclopropylmethyl)-5,6,7,8,14,14b-hexahydro-4,8-methano[1]benzofuro[2,3-a]pyrido[4,3-b]carbazole-1,8a(9H)-diol 'C26 H26 N2 O3'
NA non-polymer 'SODIUM ION' 'Na 1'
OLA non-polymer 'OLEIC ACID' 'C18 H34 O2'
OLC non-polymer '(2R)-2,3-dihydroxypropyl (9Z)-octadec-9-enoate' 'C21 H40 O4'
PGE non-polymer 'TRIETHYLENE GLYCOL' 'C6 H14 O4'
TLA non-polymer 'L(+)-TARTARIC ACID' 'C4 H6 O6'
#
# COMPACT_ATOMS: atom_id res chain seq x y z
N ASP A 7 -16.97 -3.21 -19.55
CA ASP A 7 -18.06 -2.96 -20.54
C ASP A 7 -19.42 -2.84 -19.84
N LEU A 8 -19.88 -3.92 -19.19
CA LEU A 8 -21.19 -3.89 -18.49
C LEU A 8 -21.18 -3.00 -17.27
N GLU A 9 -20.09 -3.09 -16.51
CA GLU A 9 -19.93 -2.28 -15.31
C GLU A 9 -20.04 -0.79 -15.61
N ASP A 10 -19.39 -0.37 -16.69
CA ASP A 10 -19.40 1.02 -17.10
C ASP A 10 -20.79 1.43 -17.55
N ASN A 11 -21.46 0.57 -18.31
CA ASN A 11 -22.86 0.84 -18.72
C ASN A 11 -23.82 1.05 -17.53
N TRP A 12 -23.69 0.21 -16.52
CA TRP A 12 -24.55 0.29 -15.34
C TRP A 12 -24.34 1.62 -14.56
N GLU A 13 -23.08 2.03 -14.36
CA GLU A 13 -22.79 3.31 -13.71
C GLU A 13 -23.36 4.49 -14.51
N THR A 14 -23.16 4.47 -15.83
CA THR A 14 -23.61 5.58 -16.67
C THR A 14 -25.15 5.68 -16.61
N LEU A 15 -25.80 4.51 -16.63
CA LEU A 15 -27.25 4.44 -16.52
C LEU A 15 -27.70 5.14 -15.23
N ASN A 16 -27.14 4.71 -14.11
CA ASN A 16 -27.49 5.23 -12.79
C ASN A 16 -27.07 6.68 -12.58
N ASP A 17 -25.89 7.07 -13.08
CA ASP A 17 -25.41 8.45 -12.95
C ASP A 17 -26.33 9.41 -13.69
N ASN A 18 -26.76 9.02 -14.88
CA ASN A 18 -27.64 9.87 -15.68
C ASN A 18 -29.06 10.02 -15.11
N LEU A 19 -29.57 8.99 -14.42
CA LEU A 19 -30.81 9.14 -13.64
C LEU A 19 -30.69 10.29 -12.65
N LYS A 20 -29.56 10.35 -11.95
CA LYS A 20 -29.30 11.47 -11.01
C LYS A 20 -29.21 12.83 -11.72
N VAL A 21 -28.54 12.88 -12.87
CA VAL A 21 -28.44 14.13 -13.64
C VAL A 21 -29.84 14.68 -13.97
N ILE A 22 -30.75 13.77 -14.30
CA ILE A 22 -32.11 14.15 -14.70
C ILE A 22 -32.86 14.83 -13.56
N GLU A 23 -32.83 14.21 -12.38
CA GLU A 23 -33.40 14.82 -11.17
C GLU A 23 -32.76 16.19 -10.86
N LYS A 24 -31.47 16.36 -11.16
CA LYS A 24 -30.78 17.63 -10.90
C LYS A 24 -30.87 18.68 -12.01
N ALA A 25 -31.48 18.33 -13.15
CA ALA A 25 -31.41 19.18 -14.34
C ALA A 25 -32.16 20.52 -14.23
N ASP A 26 -31.58 21.55 -14.84
CA ASP A 26 -32.18 22.89 -14.94
C ASP A 26 -33.14 23.03 -16.11
N ASN A 27 -32.91 22.25 -17.15
CA ASN A 27 -33.65 22.40 -18.41
C ASN A 27 -33.84 21.12 -19.22
N ALA A 28 -34.73 21.22 -20.20
CA ALA A 28 -35.11 20.10 -21.03
C ALA A 28 -33.93 19.52 -21.84
N ALA A 29 -33.03 20.38 -22.29
CA ALA A 29 -31.88 19.92 -23.09
C ALA A 29 -30.97 19.01 -22.26
N GLN A 30 -30.76 19.36 -21.01
CA GLN A 30 -29.93 18.55 -20.12
C GLN A 30 -30.59 17.21 -19.88
N VAL A 31 -31.91 17.23 -19.74
CA VAL A 31 -32.68 15.98 -19.54
C VAL A 31 -32.63 15.10 -20.81
N LYS A 32 -32.82 15.70 -21.97
CA LYS A 32 -32.73 14.98 -23.26
C LYS A 32 -31.35 14.33 -23.43
N ASP A 33 -30.30 15.09 -23.12
CA ASP A 33 -28.95 14.54 -23.22
C ASP A 33 -28.73 13.33 -22.31
N ALA A 34 -29.17 13.43 -21.06
CA ALA A 34 -28.99 12.37 -20.07
C ALA A 34 -29.83 11.15 -20.48
N LEU A 35 -31.05 11.39 -20.96
CA LEU A 35 -31.93 10.28 -21.40
C LEU A 35 -31.29 9.54 -22.55
N THR A 36 -30.74 10.30 -23.49
CA THR A 36 -30.07 9.72 -24.66
C THR A 36 -28.90 8.79 -24.27
N LYS A 37 -28.08 9.25 -23.34
CA LYS A 37 -27.02 8.40 -22.77
C LYS A 37 -27.53 7.19 -21.99
N MET A 38 -28.61 7.35 -21.23
CA MET A 38 -29.19 6.22 -20.49
C MET A 38 -29.63 5.14 -21.49
N ARG A 39 -30.27 5.56 -22.57
CA ARG A 39 -30.76 4.61 -23.53
C ARG A 39 -29.63 3.83 -24.21
N ALA A 40 -28.57 4.53 -24.60
CA ALA A 40 -27.40 3.90 -25.19
C ALA A 40 -26.79 2.92 -24.20
N ALA A 41 -26.63 3.34 -22.96
CA ALA A 41 -26.07 2.45 -21.94
C ALA A 41 -26.96 1.22 -21.69
N ALA A 42 -28.26 1.44 -21.65
CA ALA A 42 -29.24 0.37 -21.45
C ALA A 42 -29.17 -0.70 -22.55
N LEU A 43 -29.16 -0.25 -23.80
CA LEU A 43 -29.10 -1.16 -24.95
C LEU A 43 -27.82 -2.03 -24.95
N ASP A 44 -26.71 -1.43 -24.57
CA ASP A 44 -25.44 -2.16 -24.40
C ASP A 44 -25.50 -3.15 -23.23
N ALA A 45 -25.99 -2.71 -22.08
CA ALA A 45 -26.12 -3.58 -20.91
C ALA A 45 -26.98 -4.82 -21.26
N GLN A 46 -28.02 -4.60 -22.06
CA GLN A 46 -29.00 -5.62 -22.34
C GLN A 46 -28.42 -6.80 -23.10
N LYS A 47 -27.33 -6.57 -23.83
CA LYS A 47 -26.66 -7.61 -24.62
C LYS A 47 -25.76 -8.51 -23.78
N ALA A 48 -25.41 -8.07 -22.57
CA ALA A 48 -24.41 -8.72 -21.75
C ALA A 48 -25.02 -9.69 -20.74
N THR A 49 -24.16 -10.52 -20.16
CA THR A 49 -24.56 -11.50 -19.16
C THR A 49 -24.02 -11.00 -17.83
N PRO A 50 -24.90 -10.79 -16.84
CA PRO A 50 -24.42 -10.47 -15.50
C PRO A 50 -23.49 -11.58 -14.97
N PRO A 51 -22.42 -11.20 -14.25
CA PRO A 51 -21.55 -12.18 -13.60
C PRO A 51 -22.30 -13.28 -12.84
N LYS A 52 -23.36 -12.89 -12.13
CA LYS A 52 -24.18 -13.82 -11.33
C LYS A 52 -24.89 -14.88 -12.19
N LEU A 53 -25.14 -14.55 -13.45
CA LEU A 53 -25.92 -15.39 -14.36
C LEU A 53 -25.06 -16.15 -15.37
N GLU A 54 -23.73 -16.16 -15.19
CA GLU A 54 -22.83 -16.88 -16.09
C GLU A 54 -23.13 -18.40 -16.17
N ASP A 55 -23.76 -18.96 -15.13
CA ASP A 55 -24.04 -20.41 -15.10
C ASP A 55 -25.39 -20.78 -15.72
N LYS A 56 -26.02 -19.84 -16.44
CA LYS A 56 -27.40 -20.02 -16.90
C LYS A 56 -27.57 -19.95 -18.41
N SER A 57 -28.60 -20.66 -18.90
CA SER A 57 -29.04 -20.56 -20.30
C SER A 57 -29.53 -19.15 -20.63
N PRO A 58 -29.30 -18.70 -21.88
CA PRO A 58 -29.89 -17.45 -22.36
C PRO A 58 -31.42 -17.46 -22.27
N ASP A 59 -31.99 -18.67 -22.29
CA ASP A 59 -33.43 -18.91 -22.21
C ASP A 59 -33.95 -19.21 -20.80
N SER A 60 -33.09 -19.13 -19.79
CA SER A 60 -33.49 -19.38 -18.41
C SER A 60 -34.45 -18.26 -17.94
N PRO A 61 -35.24 -18.54 -16.89
CA PRO A 61 -36.13 -17.48 -16.39
C PRO A 61 -35.36 -16.23 -15.91
N GLU A 62 -34.14 -16.39 -15.40
CA GLU A 62 -33.31 -15.23 -14.96
C GLU A 62 -32.93 -14.33 -16.14
N MET A 63 -32.31 -14.91 -17.18
CA MET A 63 -31.90 -14.09 -18.32
C MET A 63 -33.10 -13.49 -19.09
N LYS A 64 -34.23 -14.20 -19.15
CA LYS A 64 -35.47 -13.62 -19.74
C LYS A 64 -35.85 -12.32 -18.99
N ASP A 65 -35.78 -12.40 -17.67
CA ASP A 65 -36.18 -11.34 -16.75
C ASP A 65 -35.28 -10.10 -16.94
N PHE A 66 -33.97 -10.35 -16.99
CA PHE A 66 -32.94 -9.31 -17.17
C PHE A 66 -33.17 -8.55 -18.47
N ARG A 67 -33.38 -9.28 -19.56
CA ARG A 67 -33.66 -8.64 -20.86
C ARG A 67 -34.98 -7.91 -20.84
N HIS A 68 -36.02 -8.53 -20.25
CA HIS A 68 -37.35 -7.94 -20.18
C HIS A 68 -37.24 -6.56 -19.50
N GLY A 69 -36.46 -6.48 -18.41
CA GLY A 69 -36.28 -5.24 -17.65
C GLY A 69 -35.75 -4.07 -18.48
N PHE A 70 -34.70 -4.35 -19.24
CA PHE A 70 -34.15 -3.34 -20.12
C PHE A 70 -35.09 -2.95 -21.29
N ASP A 71 -35.85 -3.90 -21.84
CA ASP A 71 -36.94 -3.57 -22.79
C ASP A 71 -37.92 -2.54 -22.23
N ILE A 72 -38.38 -2.81 -21.01
CA ILE A 72 -39.31 -1.91 -20.32
C ILE A 72 -38.66 -0.51 -20.14
N LEU A 73 -37.43 -0.50 -19.66
CA LEU A 73 -36.72 0.70 -19.37
C LEU A 73 -36.53 1.53 -20.64
N VAL A 74 -36.14 0.87 -21.73
CA VAL A 74 -35.88 1.59 -22.99
C VAL A 74 -37.16 2.25 -23.51
N GLY A 75 -38.27 1.54 -23.41
CA GLY A 75 -39.55 2.09 -23.84
C GLY A 75 -39.95 3.28 -22.99
N GLN A 76 -39.67 3.22 -21.69
CA GLN A 76 -39.94 4.36 -20.81
C GLN A 76 -39.04 5.54 -21.14
N ILE A 77 -37.79 5.27 -21.48
CA ILE A 77 -36.90 6.35 -21.92
C ILE A 77 -37.39 6.96 -23.24
N ASP A 78 -37.84 6.11 -24.16
CA ASP A 78 -38.42 6.60 -25.42
C ASP A 78 -39.59 7.57 -25.16
N ASP A 79 -40.48 7.22 -24.24
CA ASP A 79 -41.61 8.11 -23.91
C ASP A 79 -41.09 9.41 -23.27
N ALA A 80 -40.17 9.29 -22.32
CA ALA A 80 -39.64 10.50 -21.66
C ALA A 80 -38.88 11.41 -22.62
N LEU A 81 -38.23 10.84 -23.62
CA LEU A 81 -37.53 11.62 -24.65
C LEU A 81 -38.48 12.43 -25.51
N LYS A 82 -39.63 11.88 -25.85
CA LYS A 82 -40.62 12.65 -26.57
C LYS A 82 -40.97 13.91 -25.75
N LEU A 83 -41.18 13.77 -24.44
CA LEU A 83 -41.49 14.94 -23.58
C LEU A 83 -40.34 15.94 -23.56
N ALA A 84 -39.12 15.44 -23.36
CA ALA A 84 -37.95 16.32 -23.33
C ALA A 84 -37.72 17.04 -24.68
N ASN A 85 -37.89 16.30 -25.77
CA ASN A 85 -37.79 16.87 -27.14
C ASN A 85 -38.76 18.00 -27.40
N GLU A 86 -39.92 17.98 -26.74
CA GLU A 86 -40.93 19.02 -26.88
C GLU A 86 -40.82 20.12 -25.81
N GLY A 87 -39.71 20.10 -25.08
CA GLY A 87 -39.39 21.13 -24.10
C GLY A 87 -40.12 21.03 -22.79
N LYS A 88 -40.68 19.87 -22.46
CA LYS A 88 -41.47 19.74 -21.22
C LYS A 88 -40.60 19.19 -20.09
N VAL A 89 -39.80 20.06 -19.47
CA VAL A 89 -38.82 19.59 -18.50
C VAL A 89 -39.46 18.93 -17.28
N LYS A 90 -40.48 19.54 -16.66
CA LYS A 90 -41.13 18.91 -15.44
C LYS A 90 -41.75 17.54 -15.73
N GLU A 91 -42.46 17.42 -16.84
CA GLU A 91 -43.02 16.12 -17.24
C GLU A 91 -41.93 15.08 -17.54
N ALA A 92 -40.88 15.49 -18.26
CA ALA A 92 -39.75 14.59 -18.53
C ALA A 92 -39.09 14.11 -17.23
N GLN A 93 -38.91 15.05 -16.29
CA GLN A 93 -38.31 14.72 -14.99
C GLN A 93 -39.17 13.75 -14.19
N ALA A 94 -40.48 13.97 -14.20
CA ALA A 94 -41.43 13.10 -13.52
C ALA A 94 -41.37 11.67 -14.06
N ALA A 95 -41.19 11.51 -15.38
CA ALA A 95 -41.09 10.16 -16.01
C ALA A 95 -39.81 9.43 -15.60
N ALA A 96 -38.73 10.16 -15.44
CA ALA A 96 -37.49 9.59 -14.92
C ALA A 96 -37.67 8.93 -13.54
N GLU A 97 -38.70 9.35 -12.80
CA GLU A 97 -39.07 8.66 -11.56
C GLU A 97 -39.52 7.23 -11.78
N GLN A 98 -40.33 7.00 -12.82
CA GLN A 98 -40.79 5.64 -13.19
C GLN A 98 -39.65 4.72 -13.60
N LEU A 99 -38.58 5.32 -14.14
CA LEU A 99 -37.41 4.59 -14.53
C LEU A 99 -36.73 3.94 -13.32
N LYS A 100 -36.72 4.63 -12.18
CA LYS A 100 -36.15 4.05 -10.95
C LYS A 100 -36.86 2.75 -10.51
N THR A 101 -38.18 2.73 -10.64
CA THR A 101 -38.98 1.57 -10.26
C THR A 101 -38.61 0.33 -11.10
N THR A 102 -38.55 0.52 -12.42
CA THR A 102 -38.14 -0.54 -13.33
C THR A 102 -36.74 -0.99 -12.97
N ARG A 103 -35.83 -0.02 -12.82
CA ARG A 103 -34.44 -0.37 -12.53
C ARG A 103 -34.33 -1.23 -11.29
N ASN A 104 -35.03 -0.81 -10.25
CA ASN A 104 -35.03 -1.53 -8.97
C ASN A 104 -35.68 -2.91 -9.04
N ALA A 105 -36.79 -3.01 -9.76
CA ALA A 105 -37.62 -4.23 -9.75
C ALA A 105 -37.07 -5.33 -10.66
N TYR A 106 -36.34 -4.95 -11.71
CA TYR A 106 -35.84 -5.90 -12.71
C TYR A 106 -34.31 -6.01 -12.77
N ILE A 107 -33.58 -4.89 -12.71
CA ILE A 107 -32.15 -4.85 -13.06
C ILE A 107 -31.24 -5.02 -11.82
N GLN A 108 -31.56 -4.27 -10.76
CA GLN A 108 -30.82 -4.37 -9.48
C GLN A 108 -30.84 -5.82 -8.97
N LYS A 109 -31.95 -6.50 -9.22
CA LYS A 109 -32.09 -7.96 -9.03
C LYS A 109 -30.80 -8.69 -9.39
N TYR A 110 -30.22 -8.32 -10.52
CA TYR A 110 -29.08 -9.00 -11.14
C TYR A 110 -27.75 -8.21 -11.08
N LEU A 111 -27.80 -6.88 -11.14
CA LEU A 111 -26.57 -6.07 -11.18
C LEU A 111 -26.10 -5.57 -9.82
N GLY A 112 -26.96 -5.64 -8.81
CA GLY A 112 -26.62 -5.13 -7.47
C GLY A 112 -26.98 -3.66 -7.37
N SER A 113 -26.90 -3.10 -6.16
CA SER A 113 -27.43 -1.74 -5.92
C SER A 113 -26.61 -0.75 -6.73
N PRO A 114 -27.25 0.33 -7.22
CA PRO A 114 -26.44 1.36 -7.89
C PRO A 114 -25.36 1.88 -6.94
N GLY A 115 -24.17 2.19 -7.46
CA GLY A 115 -23.09 2.69 -6.60
C GLY A 115 -22.55 1.70 -5.57
N ALA A 116 -22.74 0.39 -5.80
CA ALA A 116 -22.16 -0.64 -4.92
C ALA A 116 -20.63 -0.62 -4.99
N ARG A 117 -20.10 -0.38 -6.18
CA ARG A 117 -18.66 -0.22 -6.38
C ARG A 117 -18.10 0.98 -5.58
N SER A 118 -18.78 2.12 -5.66
CA SER A 118 -18.41 3.30 -4.88
C SER A 118 -18.46 3.02 -3.40
N ALA A 119 -19.50 2.30 -2.99
CA ALA A 119 -19.67 1.98 -1.59
C ALA A 119 -18.52 1.10 -1.08
N SER A 120 -18.02 0.19 -1.93
CA SER A 120 -16.90 -0.67 -1.53
C SER A 120 -15.65 0.13 -1.45
N SER A 121 -15.51 1.11 -2.34
CA SER A 121 -14.33 1.95 -2.32
C SER A 121 -14.26 2.71 -0.98
N LEU A 122 -15.42 3.21 -0.54
CA LEU A 122 -15.50 3.95 0.73
C LEU A 122 -15.29 3.05 1.94
N ALA A 123 -15.91 1.87 1.95
CA ALA A 123 -15.69 0.93 3.04
C ALA A 123 -14.19 0.53 3.15
N LEU A 124 -13.53 0.35 2.02
CA LEU A 124 -12.08 0.05 2.03
C LEU A 124 -11.28 1.23 2.60
N ALA A 125 -11.61 2.46 2.22
CA ALA A 125 -10.89 3.61 2.69
C ALA A 125 -11.05 3.76 4.20
N ILE A 126 -12.23 3.47 4.73
CA ILE A 126 -12.46 3.53 6.18
C ILE A 126 -11.63 2.43 6.89
N ALA A 127 -11.62 1.21 6.35
CA ALA A 127 -10.73 0.16 6.85
C ALA A 127 -9.24 0.53 6.78
N ILE A 128 -8.79 1.05 5.66
CA ILE A 128 -7.42 1.56 5.55
C ILE A 128 -7.12 2.62 6.67
N THR A 129 -8.04 3.57 6.83
CA THR A 129 -7.85 4.67 7.79
C THR A 129 -7.67 4.11 9.19
N ALA A 130 -8.50 3.14 9.56
CA ALA A 130 -8.39 2.54 10.87
C ALA A 130 -7.06 1.82 11.07
N LEU A 131 -6.69 0.99 10.08
CA LEU A 131 -5.42 0.26 10.14
C LEU A 131 -4.21 1.19 10.17
N TYR A 132 -4.24 2.18 9.29
CA TYR A 132 -3.17 3.18 9.19
C TYR A 132 -3.03 4.01 10.49
N SER A 133 -4.16 4.30 11.14
CA SER A 133 -4.11 5.01 12.41
C SER A 133 -3.46 4.17 13.52
N ALA A 134 -3.74 2.87 13.55
CA ALA A 134 -3.12 1.96 14.48
C ALA A 134 -1.61 1.82 14.23
N VAL A 135 -1.25 1.61 12.97
CA VAL A 135 0.14 1.49 12.57
C VAL A 135 0.92 2.77 12.89
N CYS A 136 0.27 3.89 12.62
CA CYS A 136 0.89 5.20 12.87
C CYS A 136 1.17 5.35 14.36
N ALA A 137 0.18 5.07 15.20
CA ALA A 137 0.33 5.32 16.63
C ALA A 137 1.42 4.43 17.24
N VAL A 138 1.35 3.14 16.95
CA VAL A 138 2.33 2.18 17.43
C VAL A 138 3.72 2.36 16.84
N GLY A 139 3.80 2.53 15.52
CA GLY A 139 5.08 2.70 14.87
C GLY A 139 5.74 4.03 15.09
N LEU A 140 4.98 5.13 15.13
CA LEU A 140 5.63 6.41 15.39
C LEU A 140 6.16 6.49 16.82
N LEU A 141 5.29 6.18 17.79
CA LEU A 141 5.66 6.29 19.17
C LEU A 141 6.74 5.28 19.52
N GLY A 142 6.54 4.05 19.06
CA GLY A 142 7.49 2.99 19.27
C GLY A 142 8.88 3.24 18.73
N ASN A 143 8.97 3.73 17.50
CA ASN A 143 10.27 3.96 16.91
C ASN A 143 10.98 5.23 17.44
N VAL A 144 10.22 6.23 17.83
CA VAL A 144 10.83 7.40 18.46
C VAL A 144 11.47 6.97 19.80
N LEU A 145 10.77 6.13 20.57
CA LEU A 145 11.35 5.59 21.81
C LEU A 145 12.64 4.80 21.57
N VAL A 146 12.63 4.01 20.50
CA VAL A 146 13.83 3.23 20.14
C VAL A 146 14.99 4.16 19.89
N MET A 147 14.75 5.22 19.12
CA MET A 147 15.82 6.16 18.80
C MET A 147 16.32 6.87 20.04
N PHE A 148 15.40 7.37 20.86
CA PHE A 148 15.84 8.08 22.09
C PHE A 148 16.60 7.14 23.06
N GLY A 149 16.15 5.90 23.13
CA GLY A 149 16.75 4.86 23.95
C GLY A 149 18.20 4.56 23.56
N ILE A 150 18.44 4.41 22.27
CA ILE A 150 19.76 4.11 21.77
C ILE A 150 20.69 5.30 22.01
N VAL A 151 20.18 6.50 21.79
CA VAL A 151 20.97 7.73 22.02
C VAL A 151 21.35 7.87 23.50
N ARG A 152 20.39 7.59 24.37
CA ARG A 152 20.56 7.79 25.82
C ARG A 152 21.57 6.86 26.48
N TYR A 153 21.53 5.56 26.15
CA TYR A 153 22.24 4.54 26.94
C TYR A 153 23.47 3.94 26.27
N THR A 154 24.57 3.99 27.00
CA THR A 154 25.85 3.42 26.60
C THR A 154 25.72 1.96 26.23
N LYS A 155 24.98 1.18 27.03
CA LYS A 155 24.83 -0.26 26.80
C LYS A 155 24.11 -0.58 25.49
N MET A 156 23.32 0.38 24.99
CA MET A 156 22.62 0.24 23.73
C MET A 156 23.45 0.51 22.48
N LYS A 157 24.61 1.12 22.61
N LYS A 157 24.69 0.97 22.65
CA LYS A 157 25.39 1.49 21.43
CA LYS A 157 25.52 1.47 21.55
C LYS A 157 26.29 0.30 21.04
C LYS A 157 26.32 0.39 20.82
N THR A 158 25.65 -0.65 20.37
CA THR A 158 26.30 -1.76 19.69
C THR A 158 26.11 -1.58 18.21
N ALA A 159 26.96 -2.23 17.39
CA ALA A 159 26.80 -2.14 15.95
C ALA A 159 25.41 -2.55 15.49
N THR A 160 24.89 -3.70 15.99
CA THR A 160 23.55 -4.12 15.65
C THR A 160 22.51 -3.02 15.94
N ASN A 161 22.61 -2.40 17.12
CA ASN A 161 21.61 -1.41 17.49
C ASN A 161 21.74 -0.11 16.70
N ILE A 162 22.93 0.19 16.20
CA ILE A 162 23.13 1.36 15.28
C ILE A 162 22.40 1.13 13.95
N TYR A 163 22.42 -0.11 13.44
CA TYR A 163 21.58 -0.45 12.32
C TYR A 163 20.10 -0.38 12.69
N ILE A 164 19.72 -0.88 13.87
CA ILE A 164 18.34 -0.76 14.30
C ILE A 164 17.87 0.71 14.38
N PHE A 165 18.79 1.61 14.77
CA PHE A 165 18.47 3.06 14.79
C PHE A 165 18.05 3.54 13.37
N ASN A 166 18.77 3.07 12.37
CA ASN A 166 18.43 3.39 10.99
C ASN A 166 17.08 2.90 10.55
N LEU A 167 16.72 1.70 10.98
CA LEU A 167 15.40 1.15 10.67
C LEU A 167 14.33 2.00 11.37
N ALA A 168 14.60 2.37 12.61
CA ALA A 168 13.65 3.18 13.37
C ALA A 168 13.41 4.58 12.78
N LEU A 169 14.46 5.18 12.25
CA LEU A 169 14.36 6.50 11.65
C LEU A 169 13.46 6.42 10.42
N ALA A 170 13.73 5.44 9.57
CA ALA A 170 12.93 5.25 8.35
C ALA A 170 11.48 4.97 8.71
N ASP A 171 11.29 4.06 9.70
CA ASP A 171 9.98 3.68 10.15
C ASP A 171 9.17 4.86 10.77
N ALA A 172 9.82 5.68 11.59
CA ALA A 172 9.20 6.93 12.09
C ALA A 172 8.75 7.89 10.97
N LEU A 173 9.63 8.13 9.99
CA LEU A 173 9.30 8.95 8.85
C LEU A 173 8.10 8.39 8.09
N ALA A 174 8.12 7.11 7.77
CA ALA A 174 7.02 6.49 7.01
C ALA A 174 5.70 6.55 7.77
N THR A 175 5.73 6.20 9.06
CA THR A 175 4.47 6.16 9.83
C THR A 175 3.91 7.60 9.99
N SER A 176 4.78 8.61 9.96
CA SER A 176 4.31 9.97 10.11
C SER A 176 3.45 10.40 8.90
N THR A 177 3.62 9.74 7.74
CA THR A 177 2.85 10.04 6.55
C THR A 177 1.44 9.46 6.58
N LEU A 178 1.17 8.51 7.47
CA LEU A 178 -0.02 7.72 7.27
C LEU A 178 -1.37 8.47 7.45
N PRO A 179 -1.42 9.48 8.34
CA PRO A 179 -2.72 10.17 8.45
C PRO A 179 -3.04 10.96 7.16
N PHE A 180 -2.00 11.45 6.50
CA PHE A 180 -2.18 12.15 5.21
C PHE A 180 -2.62 11.20 4.13
N GLN A 181 -2.01 10.02 4.09
CA GLN A 181 -2.41 9.01 3.13
C GLN A 181 -3.84 8.57 3.39
N SER A 182 -4.20 8.42 4.66
CA SER A 182 -5.62 8.05 5.00
C SER A 182 -6.60 9.08 4.43
N ALA A 183 -6.30 10.36 4.65
CA ALA A 183 -7.15 11.44 4.19
C ALA A 183 -7.35 11.37 2.69
N LYS A 184 -6.24 11.11 1.97
CA LYS A 184 -6.29 10.95 0.54
C LYS A 184 -7.25 9.85 0.09
N TYR A 185 -7.17 8.71 0.76
CA TYR A 185 -8.06 7.58 0.45
C TYR A 185 -9.54 7.88 0.70
N LEU A 186 -9.84 8.52 1.82
CA LEU A 186 -11.22 8.91 2.10
C LEU A 186 -11.76 9.97 1.13
N MET A 187 -10.94 10.99 0.85
CA MET A 187 -11.35 12.13 0.00
C MET A 187 -11.28 11.81 -1.50
N GLU A 188 -10.57 10.74 -1.87
CA GLU A 188 -10.30 10.41 -3.29
C GLU A 188 -9.60 11.57 -4.05
N THR A 189 -8.74 12.29 -3.35
CA THR A 189 -8.03 13.43 -3.93
C THR A 189 -6.95 13.81 -2.92
N TRP A 190 -5.95 14.56 -3.38
CA TRP A 190 -4.86 15.05 -2.56
C TRP A 190 -5.07 16.53 -2.25
N PRO A 191 -5.41 16.86 -0.99
CA PRO A 191 -5.73 18.24 -0.62
C PRO A 191 -4.53 19.03 -0.11
N PHE A 192 -3.37 18.40 0.05
CA PHE A 192 -2.29 18.98 0.83
C PHE A 192 -1.24 19.78 0.08
N GLY A 193 -1.33 19.87 -1.23
CA GLY A 193 -0.37 20.69 -1.97
C GLY A 193 0.86 19.93 -2.41
N GLU A 194 1.65 20.58 -3.24
CA GLU A 194 2.74 19.87 -3.92
C GLU A 194 3.95 19.54 -3.06
N LEU A 195 4.32 20.43 -2.13
CA LEU A 195 5.48 20.21 -1.29
C LEU A 195 5.26 18.96 -0.39
N LEU A 196 4.07 18.84 0.21
CA LEU A 196 3.77 17.65 1.04
C LEU A 196 3.72 16.37 0.18
N CYS A 197 3.23 16.49 -1.05
CA CYS A 197 3.25 15.38 -1.99
C CYS A 197 4.71 14.90 -2.21
N LYS A 198 5.63 15.83 -2.47
CA LYS A 198 7.03 15.49 -2.62
C LYS A 198 7.60 14.82 -1.37
N ALA A 199 7.27 15.37 -0.20
CA ALA A 199 7.73 14.81 1.06
C ALA A 199 7.25 13.35 1.26
N VAL A 200 5.96 13.13 1.04
CA VAL A 200 5.36 11.82 1.32
C VAL A 200 5.90 10.79 0.33
N LEU A 201 5.90 11.13 -0.95
CA LEU A 201 6.45 10.21 -1.95
C LEU A 201 7.91 9.88 -1.73
N SER A 202 8.71 10.90 -1.42
CA SER A 202 10.12 10.68 -1.16
C SER A 202 10.33 9.78 0.05
N ILE A 203 9.64 10.10 1.14
CA ILE A 203 9.73 9.30 2.34
C ILE A 203 9.36 7.85 2.03
N ASP A 204 8.30 7.67 1.25
CA ASP A 204 7.83 6.33 0.93
C ASP A 204 8.93 5.47 0.24
N TYR A 205 9.60 6.06 -0.72
CA TYR A 205 10.71 5.42 -1.37
C TYR A 205 11.97 5.26 -0.50
N TYR A 206 12.30 6.27 0.32
CA TYR A 206 13.42 6.15 1.23
C TYR A 206 13.20 5.05 2.25
N ASN A 207 11.98 4.92 2.76
CA ASN A 207 11.71 3.81 3.67
C ASN A 207 11.94 2.45 2.99
N MET A 208 11.41 2.29 1.79
CA MET A 208 11.57 1.09 1.02
C MET A 208 13.05 0.73 0.82
N PHE A 209 13.85 1.69 0.35
CA PHE A 209 15.25 1.43 0.07
C PHE A 209 16.16 1.38 1.29
N THR A 210 16.06 2.36 2.19
CA THR A 210 16.91 2.28 3.38
C THR A 210 16.62 1.09 4.26
N SER A 211 15.36 0.68 4.36
CA SER A 211 15.03 -0.45 5.18
C SER A 211 15.75 -1.68 4.70
N ILE A 212 15.62 -1.98 3.42
CA ILE A 212 16.22 -3.23 2.90
C ILE A 212 17.75 -3.15 2.85
N PHE A 213 18.29 -1.98 2.55
CA PHE A 213 19.75 -1.81 2.59
C PHE A 213 20.29 -2.00 4.01
N THR A 214 19.60 -1.42 4.99
CA THR A 214 19.97 -1.55 6.40
C THR A 214 19.90 -3.03 6.84
N LEU A 215 18.82 -3.73 6.49
CA LEU A 215 18.67 -5.15 6.85
C LEU A 215 19.77 -6.02 6.22
N THR A 216 20.18 -5.67 5.02
CA THR A 216 21.25 -6.39 4.33
C THR A 216 22.55 -6.18 5.12
N MET A 217 22.89 -4.93 5.45
CA MET A 217 24.08 -4.68 6.22
C MET A 217 24.00 -5.26 7.63
N MET A 218 22.82 -5.22 8.28
CA MET A 218 22.67 -5.88 9.57
CA MET A 218 22.63 -5.86 9.57
C MET A 218 22.95 -7.37 9.48
N SER A 219 22.50 -7.99 8.39
CA SER A 219 22.64 -9.44 8.19
C SER A 219 24.11 -9.79 7.94
N VAL A 220 24.80 -8.97 7.16
CA VAL A 220 26.21 -9.19 6.90
C VAL A 220 27.02 -8.98 8.19
N ASP A 221 26.67 -7.93 8.97
CA ASP A 221 27.30 -7.67 10.24
C ASP A 221 27.12 -8.80 11.23
N ARG A 222 25.92 -9.33 11.32
CA ARG A 222 25.67 -10.42 12.20
C ARG A 222 26.41 -11.70 11.74
N TYR A 223 26.45 -11.92 10.43
CA TYR A 223 27.19 -13.03 9.83
C TYR A 223 28.66 -12.98 10.24
N ILE A 224 29.27 -11.80 10.14
CA ILE A 224 30.64 -11.61 10.58
C ILE A 224 30.76 -11.91 12.08
N ALA A 225 29.84 -11.38 12.87
CA ALA A 225 29.91 -11.56 14.33
C ALA A 225 29.85 -13.05 14.70
N VAL A 226 29.00 -13.82 14.03
CA VAL A 226 28.69 -15.21 14.43
C VAL A 226 29.64 -16.18 13.78
N CYS A 227 29.98 -15.93 12.52
CA CYS A 227 30.71 -16.95 11.74
C CYS A 227 32.18 -16.66 11.61
N HIS A 228 32.60 -15.43 11.86
CA HIS A 228 34.00 -15.03 11.73
C HIS A 228 34.42 -14.18 12.93
N PRO A 229 34.23 -14.73 14.13
CA PRO A 229 34.40 -13.95 15.37
C PRO A 229 35.80 -13.34 15.60
N VAL A 230 36.86 -13.99 15.11
CA VAL A 230 38.21 -13.44 15.27
C VAL A 230 38.40 -12.27 14.29
N LYS A 231 38.15 -12.52 13.00
CA LYS A 231 38.17 -11.47 11.98
C LYS A 231 37.22 -10.30 12.31
N ALA A 232 36.15 -10.56 13.07
CA ALA A 232 35.12 -9.54 13.35
C ALA A 232 35.67 -8.26 14.00
N LEU A 233 36.69 -8.38 14.84
CA LEU A 233 37.29 -7.22 15.51
C LEU A 233 37.77 -6.16 14.51
N ASP A 234 38.30 -6.61 13.37
CA ASP A 234 38.78 -5.74 12.29
C ASP A 234 37.67 -5.08 11.47
N PHE A 235 36.44 -5.61 11.56
CA PHE A 235 35.28 -5.05 10.82
C PHE A 235 34.26 -4.32 11.68
N ARG A 236 33.96 -4.83 12.88
CA ARG A 236 32.79 -4.36 13.63
C ARG A 236 33.11 -3.30 14.66
N THR A 237 32.49 -2.13 14.54
CA THR A 237 32.40 -1.14 15.63
C THR A 237 31.12 -0.31 15.44
N PRO A 238 30.60 0.22 16.55
CA PRO A 238 29.48 1.16 16.45
C PRO A 238 29.80 2.35 15.53
N ALA A 239 31.04 2.86 15.55
CA ALA A 239 31.38 4.03 14.70
C ALA A 239 31.27 3.69 13.21
N LYS A 240 31.73 2.49 12.85
CA LYS A 240 31.68 2.04 11.46
C LYS A 240 30.24 1.82 11.01
N ALA A 241 29.40 1.26 11.87
CA ALA A 241 27.99 1.06 11.53
C ALA A 241 27.29 2.40 11.29
N LYS A 242 27.65 3.39 12.09
CA LYS A 242 27.09 4.72 11.92
C LYS A 242 27.45 5.28 10.53
N LEU A 243 28.70 5.09 10.11
N LEU A 243 28.70 5.10 10.09
CA LEU A 243 29.13 5.56 8.79
CA LEU A 243 29.09 5.56 8.76
C LEU A 243 28.44 4.80 7.65
C LEU A 243 28.37 4.81 7.66
N ILE A 244 28.24 3.49 7.84
CA ILE A 244 27.47 2.71 6.88
C ILE A 244 26.02 3.19 6.81
N ASN A 245 25.40 3.55 7.92
CA ASN A 245 24.08 4.18 7.85
C ASN A 245 24.04 5.40 6.94
N ILE A 246 25.02 6.28 7.06
CA ILE A 246 25.06 7.45 6.23
C ILE A 246 25.19 7.03 4.76
N CYS A 247 26.10 6.10 4.47
CA CYS A 247 26.25 5.58 3.10
C CYS A 247 24.92 5.02 2.54
N ILE A 248 24.18 4.33 3.41
CA ILE A 248 22.86 3.83 3.05
C ILE A 248 21.92 4.97 2.57
N TRP A 249 21.85 6.08 3.33
CA TRP A 249 21.00 7.19 2.95
C TRP A 249 21.50 7.88 1.70
N VAL A 250 22.82 7.95 1.55
CA VAL A 250 23.41 8.55 0.31
C VAL A 250 23.06 7.68 -0.91
N LEU A 251 23.29 6.37 -0.81
CA LEU A 251 22.94 5.42 -1.91
C LEU A 251 21.45 5.47 -2.20
N ALA A 252 20.61 5.43 -1.16
CA ALA A 252 19.16 5.55 -1.36
C ALA A 252 18.74 6.85 -2.03
N SER A 253 19.52 7.92 -1.84
CA SER A 253 19.23 9.21 -2.48
C SER A 253 19.35 9.18 -4.01
N GLY A 254 20.05 8.17 -4.52
CA GLY A 254 20.11 7.90 -5.97
C GLY A 254 18.73 7.75 -6.57
N VAL A 255 17.81 7.17 -5.79
CA VAL A 255 16.40 7.06 -6.12
C VAL A 255 15.54 8.17 -5.45
N GLY A 256 15.80 8.40 -4.16
CA GLY A 256 15.14 9.47 -3.40
C GLY A 256 15.05 10.87 -3.98
N VAL A 257 16.18 11.42 -4.43
CA VAL A 257 16.21 12.76 -5.01
C VAL A 257 15.49 12.83 -6.37
N PRO A 258 15.70 11.83 -7.25
CA PRO A 258 14.83 11.82 -8.44
C PRO A 258 13.33 11.71 -8.10
N ILE A 259 12.97 10.96 -7.06
CA ILE A 259 11.55 10.89 -6.64
C ILE A 259 11.04 12.26 -6.19
N MET A 260 11.85 12.94 -5.36
N MET A 260 11.82 12.97 -5.38
CA MET A 260 11.63 14.31 -4.88
CA MET A 260 11.41 14.27 -4.92
C MET A 260 11.32 15.26 -6.03
C MET A 260 11.24 15.24 -6.09
N VAL A 261 12.08 15.12 -7.10
CA VAL A 261 11.98 15.99 -8.28
C VAL A 261 10.72 15.66 -9.09
N MET A 262 10.49 14.35 -9.29
CA MET A 262 9.42 13.91 -10.19
C MET A 262 8.02 13.95 -9.58
N ALA A 263 7.95 14.03 -8.25
CA ALA A 263 6.69 14.02 -7.54
C ALA A 263 5.97 15.33 -7.73
N VAL A 264 4.75 15.28 -8.25
CA VAL A 264 3.99 16.47 -8.60
C VAL A 264 2.51 16.26 -8.29
N THR A 265 1.78 17.35 -8.15
CA THR A 265 0.33 17.27 -8.09
C THR A 265 -0.21 17.71 -9.44
N ARG A 266 -1.13 16.91 -9.97
CA ARG A 266 -1.70 17.12 -11.31
C ARG A 266 -3.21 16.98 -11.25
N PRO A 267 -3.95 17.80 -11.99
CA PRO A 267 -5.40 17.58 -12.08
C PRO A 267 -5.70 16.25 -12.80
N ARG A 268 -6.66 15.49 -12.31
CA ARG A 268 -7.06 14.25 -12.99
C ARG A 268 -8.52 13.91 -12.70
N ASP A 269 -9.36 14.04 -13.73
CA ASP A 269 -10.78 13.66 -13.67
C ASP A 269 -11.53 14.36 -12.54
N GLY A 270 -11.46 15.69 -12.50
CA GLY A 270 -12.07 16.49 -11.43
C GLY A 270 -11.33 16.53 -10.09
N ALA A 271 -10.28 15.71 -9.92
CA ALA A 271 -9.54 15.64 -8.65
C ALA A 271 -8.05 16.01 -8.82
N VAL A 272 -7.32 16.02 -7.69
CA VAL A 272 -5.89 16.27 -7.71
C VAL A 272 -5.18 14.98 -7.30
N VAL A 273 -4.21 14.55 -8.09
CA VAL A 273 -3.46 13.35 -7.74
C VAL A 273 -2.02 13.73 -7.41
N CYS A 274 -1.45 13.05 -6.43
CA CYS A 274 -0.05 13.20 -6.09
C CYS A 274 0.63 12.01 -6.76
N MET A 275 1.51 12.27 -7.73
CA MET A 275 2.07 11.21 -8.59
C MET A 275 3.47 11.54 -9.07
N LEU A 276 4.14 10.51 -9.60
CA LEU A 276 5.43 10.68 -10.25
C LEU A 276 5.25 11.03 -11.71
N GLN A 277 5.89 12.11 -12.15
CA GLN A 277 5.89 12.48 -13.54
C GLN A 277 7.23 12.05 -14.11
N PHE A 278 7.22 10.95 -14.86
CA PHE A 278 8.42 10.46 -15.49
C PHE A 278 8.66 11.22 -16.78
N PRO A 279 9.92 11.38 -17.16
CA PRO A 279 10.13 11.95 -18.49
C PRO A 279 9.59 11.01 -19.58
N SER A 280 9.40 11.57 -20.76
CA SER A 280 8.80 10.85 -21.89
C SER A 280 9.80 9.81 -22.39
N PRO A 281 9.30 8.63 -22.79
CA PRO A 281 7.91 8.17 -22.69
C PRO A 281 7.65 7.65 -21.26
N SER A 282 6.61 8.16 -20.62
CA SER A 282 6.47 7.99 -19.18
C SER A 282 6.25 6.53 -18.77
N TRP A 283 5.46 5.80 -19.57
CA TRP A 283 5.17 4.39 -19.27
C TRP A 283 6.45 3.55 -19.26
N TYR A 284 7.40 3.92 -20.11
CA TYR A 284 8.68 3.24 -20.24
C TYR A 284 9.56 3.45 -19.01
N TRP A 285 9.78 4.70 -18.60
CA TRP A 285 10.62 4.98 -17.45
C TRP A 285 9.97 4.44 -16.15
N ASP A 286 8.65 4.45 -16.10
CA ASP A 286 7.90 3.84 -14.97
C ASP A 286 8.19 2.34 -14.86
N THR A 287 8.13 1.66 -16.00
CA THR A 287 8.39 0.22 -16.04
C THR A 287 9.85 -0.07 -15.69
N VAL A 288 10.78 0.68 -16.27
CA VAL A 288 12.18 0.47 -15.96
C VAL A 288 12.41 0.65 -14.46
N THR A 289 11.82 1.69 -13.88
CA THR A 289 11.98 1.97 -12.45
C THR A 289 11.41 0.83 -11.61
N LYS A 290 10.22 0.38 -11.95
CA LYS A 290 9.60 -0.75 -11.21
CA LYS A 290 9.62 -0.73 -11.17
C LYS A 290 10.42 -2.03 -11.29
N ILE A 291 11.01 -2.30 -12.46
CA ILE A 291 11.86 -3.47 -12.61
C ILE A 291 13.09 -3.32 -11.72
N CYS A 292 13.72 -2.14 -11.76
CA CYS A 292 14.89 -1.88 -10.93
C CYS A 292 14.61 -1.95 -9.42
N VAL A 293 13.42 -1.50 -9.00
CA VAL A 293 13.01 -1.60 -7.60
C VAL A 293 12.85 -3.09 -7.20
N PHE A 294 12.19 -3.86 -8.05
CA PHE A 294 12.01 -5.28 -7.81
C PHE A 294 13.39 -5.98 -7.67
N LEU A 295 14.33 -5.59 -8.52
CA LEU A 295 15.66 -6.18 -8.48
C LEU A 295 16.47 -5.72 -7.28
N PHE A 296 16.62 -4.41 -7.14
CA PHE A 296 17.61 -3.89 -6.22
C PHE A 296 17.10 -3.51 -4.84
N ALA A 297 15.78 -3.44 -4.67
CA ALA A 297 15.14 -3.32 -3.35
C ALA A 297 14.48 -4.58 -2.84
N PHE A 298 14.56 -5.67 -3.59
CA PHE A 298 13.90 -6.89 -3.18
C PHE A 298 14.77 -8.11 -3.50
N VAL A 299 14.81 -8.55 -4.77
CA VAL A 299 15.43 -9.85 -5.10
C VAL A 299 16.91 -9.91 -4.71
N VAL A 300 17.67 -8.91 -5.12
CA VAL A 300 19.12 -8.94 -4.93
C VAL A 300 19.47 -8.91 -3.43
N PRO A 301 18.91 -7.96 -2.63
CA PRO A 301 19.28 -7.98 -1.20
C PRO A 301 18.77 -9.21 -0.47
N ILE A 302 17.61 -9.72 -0.87
CA ILE A 302 17.12 -10.94 -0.25
C ILE A 302 18.01 -12.16 -0.53
N LEU A 303 18.56 -12.26 -1.75
N LEU A 303 18.57 -12.24 -1.73
CA LEU A 303 19.53 -13.33 -2.06
CA LEU A 303 19.50 -13.32 -2.03
C LEU A 303 20.75 -13.21 -1.14
C LEU A 303 20.78 -13.22 -1.18
N ILE A 304 21.28 -12.00 -1.01
CA ILE A 304 22.45 -11.75 -0.11
C ILE A 304 22.12 -12.21 1.32
N ILE A 305 20.97 -11.75 1.82
CA ILE A 305 20.53 -12.05 3.15
C ILE A 305 20.33 -13.53 3.32
N THR A 306 19.77 -14.18 2.32
CA THR A 306 19.48 -15.62 2.38
C THR A 306 20.76 -16.43 2.55
N VAL A 307 21.83 -16.04 1.84
CA VAL A 307 23.12 -16.71 2.00
C VAL A 307 23.66 -16.51 3.43
N CYS A 308 23.68 -15.27 3.91
CA CYS A 308 24.10 -14.97 5.27
C CYS A 308 23.23 -15.72 6.34
N TYR A 309 21.91 -15.69 6.14
CA TYR A 309 20.87 -16.30 7.03
C TYR A 309 21.13 -17.78 7.12
N GLY A 310 21.28 -18.46 5.97
CA GLY A 310 21.52 -19.88 5.94
C GLY A 310 22.81 -20.32 6.63
N LEU A 311 23.87 -19.55 6.40
CA LEU A 311 25.14 -19.82 7.04
C LEU A 311 25.11 -19.53 8.53
N MET A 312 24.38 -18.48 8.95
CA MET A 312 24.21 -18.24 10.40
C MET A 312 23.45 -19.40 11.04
N LEU A 313 22.38 -19.84 10.42
CA LEU A 313 21.69 -21.04 10.96
C LEU A 313 22.66 -22.24 11.10
N LEU A 314 23.45 -22.52 10.08
CA LEU A 314 24.40 -23.62 10.11
C LEU A 314 25.46 -23.47 11.24
N ARG A 315 25.99 -22.26 11.39
CA ARG A 315 26.94 -21.96 12.44
C ARG A 315 26.35 -22.18 13.82
N LEU A 316 25.14 -21.65 14.06
CA LEU A 316 24.46 -21.80 15.33
C LEU A 316 24.25 -23.28 15.71
N ARG A 317 24.04 -24.16 14.76
CA ARG A 317 23.91 -25.59 15.13
C ARG A 317 25.22 -26.37 15.11
N SER A 318 26.24 -25.86 14.42
CA SER A 318 27.51 -26.58 14.27
CA SER A 318 27.53 -26.56 14.27
C SER A 318 28.57 -26.27 15.33
N VAL A 319 28.34 -25.23 16.15
CA VAL A 319 29.28 -24.91 17.24
CA VAL A 319 29.27 -24.85 17.21
C VAL A 319 28.58 -24.89 18.58
N ARG A 320 29.24 -25.46 19.58
CA ARG A 320 28.67 -25.50 20.92
C ARG A 320 28.64 -24.11 21.55
N LEU A 321 29.77 -23.40 21.43
CA LEU A 321 29.96 -22.08 22.04
C LEU A 321 30.50 -21.09 21.03
N LEU A 322 29.81 -19.97 20.85
CA LEU A 322 30.26 -18.95 19.94
C LEU A 322 31.33 -18.02 20.55
N SER A 323 31.45 -18.07 21.89
CA SER A 323 32.44 -17.28 22.62
C SER A 323 32.86 -17.97 23.91
N GLY A 324 33.60 -17.24 24.76
CA GLY A 324 34.08 -17.76 26.05
C GLY A 324 33.06 -18.35 27.02
N SER A 325 32.11 -17.53 27.47
CA SER A 325 31.18 -17.92 28.53
C SER A 325 29.76 -18.26 28.07
N LYS A 326 29.08 -19.10 28.82
CA LYS A 326 27.72 -19.53 28.45
C LYS A 326 26.74 -18.33 28.43
N GLU A 327 26.93 -17.40 29.37
CA GLU A 327 26.14 -16.16 29.40
C GLU A 327 26.31 -15.35 28.11
N LYS A 328 27.55 -15.16 27.66
CA LYS A 328 27.81 -14.37 26.45
C LYS A 328 27.42 -15.09 25.15
N ASP A 329 27.70 -16.40 25.09
CA ASP A 329 27.19 -17.27 24.04
C ASP A 329 25.69 -17.03 23.91
N ARG A 330 24.98 -17.06 25.04
CA ARG A 330 23.55 -16.94 25.07
C ARG A 330 23.12 -15.60 24.49
N SER A 331 23.85 -14.57 24.91
CA SER A 331 23.64 -13.24 24.39
C SER A 331 23.82 -13.17 22.87
N LEU A 332 24.93 -13.68 22.35
CA LEU A 332 25.18 -13.69 20.90
C LEU A 332 24.09 -14.49 20.16
N ARG A 333 23.63 -15.58 20.76
CA ARG A 333 22.57 -16.36 20.11
C ARG A 333 21.23 -15.63 20.13
N ARG A 334 20.92 -14.96 21.24
CA ARG A 334 19.69 -14.18 21.34
C ARG A 334 19.66 -12.99 20.35
N ILE A 335 20.77 -12.25 20.27
CA ILE A 335 20.81 -11.12 19.33
C ILE A 335 20.68 -11.61 17.89
N THR A 336 21.32 -12.74 17.58
CA THR A 336 21.25 -13.31 16.26
C THR A 336 19.81 -13.76 15.93
N ARG A 337 19.15 -14.43 16.87
CA ARG A 337 17.75 -14.79 16.68
C ARG A 337 16.87 -13.56 16.45
N MET A 338 17.12 -12.46 17.18
CA MET A 338 16.31 -11.26 17.02
C MET A 338 16.48 -10.72 15.61
N VAL A 339 17.73 -10.63 15.13
CA VAL A 339 17.99 -10.21 13.74
C VAL A 339 17.28 -11.09 12.70
N LEU A 340 17.37 -12.40 12.89
CA LEU A 340 16.74 -13.36 11.98
C LEU A 340 15.20 -13.19 11.97
N VAL A 341 14.61 -12.92 13.13
CA VAL A 341 13.16 -12.62 13.19
C VAL A 341 12.80 -11.30 12.52
N VAL A 342 13.56 -10.25 12.79
CA VAL A 342 13.29 -8.94 12.16
C VAL A 342 13.40 -9.06 10.63
N VAL A 343 14.43 -9.74 10.16
CA VAL A 343 14.63 -9.93 8.70
C VAL A 343 13.49 -10.73 8.13
N GLY A 344 13.14 -11.83 8.80
CA GLY A 344 12.01 -12.66 8.38
C GLY A 344 10.68 -11.93 8.32
N ALA A 345 10.42 -11.12 9.34
CA ALA A 345 9.22 -10.32 9.38
C ALA A 345 9.20 -9.31 8.21
N PHE A 346 10.35 -8.74 7.89
CA PHE A 346 10.41 -7.82 6.75
C PHE A 346 10.01 -8.54 5.48
N VAL A 347 10.62 -9.70 5.26
CA VAL A 347 10.30 -10.45 4.05
C VAL A 347 8.80 -10.79 3.95
N VAL A 348 8.22 -11.26 5.03
CA VAL A 348 6.80 -11.58 5.07
C VAL A 348 5.92 -10.35 4.83
N CYS A 349 6.31 -9.21 5.38
CA CYS A 349 5.52 -7.98 5.21
C CYS A 349 5.66 -7.31 3.84
N TRP A 350 6.81 -7.46 3.18
CA TRP A 350 7.13 -6.71 1.96
C TRP A 350 7.09 -7.53 0.67
N ALA A 351 7.26 -8.84 0.78
CA ALA A 351 7.24 -9.67 -0.42
C ALA A 351 5.91 -9.57 -1.16
N PRO A 352 4.79 -9.56 -0.44
CA PRO A 352 3.53 -9.51 -1.15
C PRO A 352 3.36 -8.25 -1.98
N ILE A 353 3.60 -7.10 -1.39
CA ILE A 353 3.52 -5.88 -2.18
C ILE A 353 4.59 -5.77 -3.30
N HIS A 354 5.80 -6.26 -3.07
CA HIS A 354 6.80 -6.22 -4.13
C HIS A 354 6.36 -7.01 -5.36
N ILE A 355 5.78 -8.17 -5.13
CA ILE A 355 5.32 -8.99 -6.23
C ILE A 355 4.10 -8.33 -6.88
N PHE A 356 3.20 -7.81 -6.05
CA PHE A 356 1.93 -7.27 -6.55
C PHE A 356 2.18 -6.04 -7.41
N VAL A 357 3.19 -5.22 -7.09
CA VAL A 357 3.47 -4.01 -7.91
C VAL A 357 3.87 -4.42 -9.32
N ILE A 358 4.68 -5.47 -9.40
CA ILE A 358 5.12 -5.97 -10.71
C ILE A 358 3.93 -6.54 -11.46
N VAL A 359 3.12 -7.36 -10.79
CA VAL A 359 1.94 -7.91 -11.43
C VAL A 359 0.99 -6.79 -11.93
N TRP A 360 0.72 -5.82 -11.09
CA TRP A 360 -0.17 -4.74 -11.44
C TRP A 360 0.32 -3.94 -12.66
N THR A 361 1.63 -3.77 -12.73
CA THR A 361 2.22 -2.96 -13.78
C THR A 361 2.36 -3.69 -15.12
N LEU A 362 2.74 -4.97 -15.09
CA LEU A 362 3.14 -5.69 -16.29
C LEU A 362 2.06 -6.65 -16.82
N VAL A 363 1.21 -7.14 -15.91
CA VAL A 363 0.29 -8.27 -16.23
C VAL A 363 -1.14 -7.74 -16.47
N ASP A 364 -1.83 -8.37 -17.41
CA ASP A 364 -3.24 -8.06 -17.71
C ASP A 364 -4.17 -8.66 -16.68
N ILE A 365 -4.26 -8.01 -15.53
CA ILE A 365 -5.20 -8.40 -14.48
C ILE A 365 -6.40 -7.46 -14.50
N ASP A 366 -7.46 -7.82 -13.78
CA ASP A 366 -8.59 -6.91 -13.63
C ASP A 366 -8.39 -5.91 -12.50
N ARG A 367 -7.90 -4.72 -12.85
CA ARG A 367 -7.55 -3.70 -11.90
C ARG A 367 -8.71 -2.95 -11.25
N ARG A 368 -9.90 -3.05 -11.83
CA ARG A 368 -11.10 -2.44 -11.21
C ARG A 368 -11.94 -3.43 -10.38
N ASP A 369 -11.52 -4.69 -10.36
CA ASP A 369 -12.19 -5.71 -9.54
C ASP A 369 -11.99 -5.40 -8.04
N PRO A 370 -13.08 -5.28 -7.26
CA PRO A 370 -12.95 -4.88 -5.86
C PRO A 370 -12.08 -5.77 -4.98
N LEU A 371 -12.10 -7.07 -5.21
CA LEU A 371 -11.29 -8.00 -4.45
C LEU A 371 -9.79 -7.85 -4.77
N VAL A 372 -9.50 -7.61 -6.03
CA VAL A 372 -8.10 -7.36 -6.47
C VAL A 372 -7.61 -6.05 -5.86
N VAL A 373 -8.43 -5.00 -5.89
CA VAL A 373 -8.05 -3.69 -5.31
C VAL A 373 -7.90 -3.79 -3.81
N ALA A 374 -8.81 -4.52 -3.14
CA ALA A 374 -8.72 -4.69 -1.69
C ALA A 374 -7.47 -5.47 -1.32
N ALA A 375 -7.16 -6.50 -2.10
CA ALA A 375 -5.97 -7.32 -1.86
C ALA A 375 -4.70 -6.46 -2.01
N LEU A 376 -4.67 -5.65 -3.05
CA LEU A 376 -3.52 -4.75 -3.28
C LEU A 376 -3.36 -3.82 -2.07
N HIS A 377 -4.46 -3.23 -1.64
CA HIS A 377 -4.38 -2.29 -0.50
C HIS A 377 -4.04 -2.93 0.81
N LEU A 378 -4.47 -4.17 1.01
CA LEU A 378 -4.05 -4.92 2.16
C LEU A 378 -2.56 -5.25 2.12
N CYS A 379 -2.01 -5.52 0.92
CA CYS A 379 -0.57 -5.75 0.79
C CYS A 379 0.23 -4.45 1.08
N ILE A 380 -0.29 -3.33 0.61
CA ILE A 380 0.35 -2.02 0.94
C ILE A 380 0.32 -1.82 2.44
N ALA A 381 -0.85 -2.04 3.06
CA ALA A 381 -0.98 -1.83 4.50
C ALA A 381 0.01 -2.73 5.28
N LEU A 382 0.17 -3.98 4.83
CA LEU A 382 1.08 -4.93 5.48
C LEU A 382 2.52 -4.45 5.45
N GLY A 383 2.92 -3.83 4.33
CA GLY A 383 4.22 -3.17 4.21
C GLY A 383 4.44 -2.06 5.26
N TYR A 384 3.43 -1.19 5.44
CA TYR A 384 3.50 -0.19 6.50
C TYR A 384 3.47 -0.79 7.90
N ALA A 385 2.64 -1.83 8.09
CA ALA A 385 2.56 -2.49 9.39
C ALA A 385 3.87 -3.06 9.91
N ASN A 386 4.78 -3.44 9.00
CA ASN A 386 6.12 -3.78 9.41
C ASN A 386 6.82 -2.71 10.31
N SER A 387 6.59 -1.46 10.00
CA SER A 387 7.07 -0.34 10.84
C SER A 387 6.57 -0.39 12.29
N SER A 388 5.32 -0.77 12.48
CA SER A 388 4.76 -0.84 13.83
C SER A 388 5.20 -2.12 14.54
N LEU A 389 5.41 -3.17 13.76
CA LEU A 389 5.84 -4.48 14.29
C LEU A 389 7.23 -4.44 14.94
N ASN A 390 8.18 -3.76 14.30
CA ASN A 390 9.57 -3.76 14.75
C ASN A 390 9.88 -3.41 16.19
N PRO A 391 9.42 -2.24 16.68
CA PRO A 391 9.66 -1.93 18.10
C PRO A 391 9.09 -2.98 19.05
N VAL A 392 7.95 -3.55 18.71
CA VAL A 392 7.42 -4.67 19.47
C VAL A 392 8.33 -5.89 19.41
N LEU A 393 8.85 -6.22 18.23
CA LEU A 393 9.83 -7.28 18.12
C LEU A 393 11.07 -6.99 18.97
N TYR A 394 11.58 -5.77 18.95
CA TYR A 394 12.82 -5.49 19.67
C TYR A 394 12.62 -5.70 21.17
N ALA A 395 11.45 -5.26 21.67
CA ALA A 395 11.17 -5.33 23.08
C ALA A 395 11.02 -6.78 23.55
N PHE A 396 10.42 -7.65 22.72
CA PHE A 396 10.17 -9.04 23.12
C PHE A 396 11.36 -9.97 22.89
N LEU A 397 12.26 -9.62 21.97
CA LEU A 397 13.37 -10.49 21.61
C LEU A 397 14.74 -10.07 22.16
N ASP A 398 14.84 -8.88 22.75
CA ASP A 398 16.10 -8.36 23.28
C ASP A 398 15.85 -7.77 24.68
N GLU A 399 16.35 -8.45 25.70
CA GLU A 399 16.20 -8.01 27.08
C GLU A 399 16.72 -6.59 27.33
N ASN A 400 17.76 -6.17 26.61
CA ASN A 400 18.26 -4.78 26.76
C ASN A 400 17.26 -3.75 26.24
N PHE A 401 16.57 -4.01 25.13
CA PHE A 401 15.52 -3.10 24.71
C PHE A 401 14.42 -2.97 25.75
N LYS A 402 13.99 -4.11 26.28
CA LYS A 402 12.94 -4.07 27.29
C LYS A 402 13.34 -3.19 28.49
N ARG A 403 14.53 -3.44 29.01
CA ARG A 403 15.04 -2.71 30.18
C ARG A 403 15.26 -1.21 29.88
N CYS A 404 15.82 -0.89 28.73
CA CYS A 404 16.12 0.51 28.44
C CYS A 404 14.84 1.30 28.04
N PHE A 405 13.85 0.63 27.45
CA PHE A 405 12.51 1.24 27.31
C PHE A 405 11.92 1.68 28.68
N ARG A 406 12.00 0.78 29.65
CA ARG A 406 11.54 1.10 31.01
C ARG A 406 12.31 2.27 31.61
N GLN A 407 13.64 2.26 31.49
CA GLN A 407 14.45 3.33 32.13
C GLN A 407 14.25 4.68 31.45
N LEU A 408 14.14 4.66 30.12
CA LEU A 408 13.88 5.90 29.40
C LEU A 408 12.55 6.55 29.87
N CYS A 409 11.52 5.74 30.01
CA CYS A 409 10.23 6.23 30.47
C CYS A 409 10.27 6.70 31.92
N ARG A 410 11.07 6.04 32.77
CA ARG A 410 11.25 6.50 34.16
C ARG A 410 11.85 7.90 34.19
N LYS A 411 12.81 8.16 33.33
CA LYS A 411 13.51 9.44 33.34
C LYS A 411 13.52 10.13 31.95
N PRO A 412 12.34 10.58 31.48
CA PRO A 412 12.23 11.17 30.13
C PRO A 412 13.21 12.32 29.90
N CYS A 413 13.46 13.09 30.95
CA CYS A 413 14.40 14.21 30.94
C CYS A 413 15.72 13.95 31.71
N GLY A 414 16.02 12.70 32.05
CA GLY A 414 17.29 12.35 32.75
C GLY A 414 17.09 12.04 34.22
C1 OLA B . -6.50 22.12 2.24
O1 OLA B . -7.07 21.74 1.17
O2 OLA B . -6.43 23.32 2.59
C2 OLA B . -5.85 21.10 3.16
C3 OLA B . -6.83 20.65 4.26
C4 OLA B . -6.36 19.34 4.91
C5 OLA B . -7.50 18.44 5.37
C6 OLA B . -7.36 17.98 6.83
C7 OLA B . -7.29 16.46 6.97
C8 OLA B . -6.58 16.01 8.26
C9 OLA B . -5.43 15.11 7.92
C10 OLA B . -4.42 14.76 8.71
C11 OLA B . -4.22 15.18 10.15
C12 OLA B . -2.74 15.05 10.50
C13 OLA B . -2.47 14.73 11.96
C14 OLA B . -1.33 13.72 12.15
C15 OLA B . 0.00 14.38 12.54
C16 OLA B . 1.21 13.61 12.00
C17 OLA B . 1.41 12.30 12.74
C1 OLA C . 18.99 13.31 19.50
O1 OLA C . 20.16 13.66 19.18
O2 OLA C . 18.64 13.15 20.69
C2 OLA C . 17.97 13.08 18.41
C3 OLA C . 17.26 11.75 18.58
C4 OLA C . 16.61 11.29 17.28
C5 OLA C . 15.13 11.66 17.19
C6 OLA C . 14.75 12.10 15.77
C7 OLA C . 13.24 11.95 15.59
C8 OLA C . 12.73 12.57 14.29
C9 OLA C . 12.25 11.51 13.33
C10 OLA C . 11.05 11.49 12.76
C11 OLA C . 9.97 12.54 12.99
C12 OLA C . 8.81 12.30 12.04
C13 OLA C . 8.00 13.58 11.77
C14 OLA C . 8.57 14.45 10.65
C15 OLA C . 8.12 14.02 9.25
C16 OLA C . 6.72 14.51 8.86
C17 OLA C . 6.51 14.46 7.34
C18 OLA C . 5.07 14.14 6.96
C1 OLA D . -3.52 -13.10 -15.55
O1 OLA D . -4.40 -12.56 -14.84
O2 OLA D . -3.31 -12.79 -16.73
C2 OLA D . -2.66 -14.17 -14.92
C3 OLA D . -2.41 -13.87 -13.44
C4 OLA D . -1.16 -14.56 -12.92
C5 OLA D . -0.48 -13.70 -11.85
C6 OLA D . 0.81 -14.33 -11.33
C7 OLA D . 0.72 -14.59 -9.82
C8 OLA D . 2.10 -14.87 -9.20
C9 OLA D . 1.95 -14.79 -7.70
C10 OLA D . 2.80 -15.34 -6.83
C11 OLA D . 4.04 -16.10 -7.24
C12 OLA D . 4.51 -16.99 -6.09
C13 OLA D . 5.57 -16.29 -5.23
C1 OLA E . -7.45 -11.34 -12.09
O1 OLA E . -7.62 -10.14 -12.40
O2 OLA E . -7.66 -12.28 -12.88
C2 OLA E . -6.96 -11.68 -10.70
C3 OLA E . -5.44 -11.57 -10.68
C4 OLA E . -4.89 -11.84 -9.30
C5 OLA E . -3.53 -11.15 -9.11
C6 OLA E . -2.92 -11.55 -7.78
C7 OLA E . -1.50 -11.04 -7.63
C8 OLA E . -0.97 -11.41 -6.25
C9 OLA E . 0.48 -11.00 -6.12
C10 OLA E . 1.16 -11.01 -4.97
C11 OLA E . 0.57 -11.43 -3.65
C12 OLA E . 0.96 -12.86 -3.29
C13 OLA E . 2.47 -12.99 -3.08
C14 OLA E . 2.83 -14.23 -2.27
C15 OLA E . 4.11 -14.06 -1.46
C16 OLA E . 3.91 -14.47 0.01
C17 OLA E . 5.24 -14.74 0.70
C18 OLA E . 5.24 -14.27 2.14
C1 OLA F . 16.13 -18.95 14.61
O1 OLA F . 16.54 -20.13 14.71
O2 OLA F . 16.30 -18.11 15.52
C2 OLA F . 15.43 -18.54 13.32
C3 OLA F . 14.27 -17.58 13.58
C4 OLA F . 13.06 -17.91 12.71
C5 OLA F . 12.54 -16.73 11.89
C6 OLA F . 11.06 -16.51 12.12
C7 OLA F . 10.45 -15.67 11.01
C8 OLA F . 9.19 -14.98 11.50
C9 OLA F . 8.45 -14.41 10.31
C10 OLA F . 7.34 -13.68 10.42
C11 OLA F . 6.64 -13.30 11.72
C12 OLA F . 5.96 -11.94 11.55
C13 OLA F . 4.57 -12.01 10.94
C14 OLA F . 4.18 -10.69 10.27
C15 OLA F . 2.71 -10.29 10.42
C16 OLA F . 2.56 -8.79 10.59
C17 OLA F . 1.10 -8.33 10.66
C18 OLA F . 0.97 -7.02 11.41
C1 OLA G . 29.97 -3.07 10.48
O1 OLA G . 30.27 -2.40 11.50
O2 OLA G . 28.85 -3.61 10.31
C2 OLA G . 30.99 -3.23 9.36
C3 OLA G . 30.90 -4.63 8.77
C4 OLA G . 31.77 -4.76 7.53
C5 OLA G . 31.02 -4.43 6.26
C6 OLA G . 31.63 -5.15 5.06
C7 OLA G . 30.82 -4.79 3.82
C24 OLC H . 28.29 -0.34 1.99
C6 OLC H . 21.74 -4.57 -3.28
C5 OLC H . 21.65 -4.12 -1.82
C4 OLC H . 23.02 -3.80 -1.23
C3 OLC H . 23.02 -2.89 0.00
C2 OLC H . 24.07 -1.81 -0.20
C21 OLC H . 25.93 0.54 2.21
C1 OLC H . 24.28 -0.95 1.02
C22 OLC H . 27.40 0.89 1.99
O19 OLC H . 23.63 -1.18 2.01
O25 OLC H . 29.65 0.09 1.99
O23 OLC H . 27.54 1.59 0.74
O20 OLC H . 25.27 0.12 1.02
C10 OLC I . 21.98 12.13 -5.93
C9 OLC I . 21.24 12.81 -6.81
C11 OLC I . 22.81 10.94 -6.34
C8 OLC I . 21.16 12.47 -8.29
C24 OLC I . 10.74 14.76 -14.96
C7 OLC I . 19.82 12.92 -8.87
C6 OLC I . 19.87 14.27 -9.58
C5 OLC I . 18.48 14.90 -9.72
C4 OLC I . 18.00 15.11 -11.17
C3 OLC I . 16.69 14.38 -11.46
C2 OLC I . 16.01 14.92 -12.73
C21 OLC I . 12.79 15.38 -13.61
C1 OLC I . 14.86 14.04 -13.19
C22 OLC I . 11.79 15.85 -14.67
O19 OLC I . 14.78 12.88 -12.80
O25 OLC I . 9.54 14.93 -14.18
O23 OLC I . 11.16 17.07 -14.21
O20 OLC I . 13.82 14.52 -14.11
C1 OLA J . -14.96 -1.59 8.04
O1 OLA J . -14.95 -2.73 7.53
O2 OLA J . -15.77 -0.71 7.67
C2 OLA J . -13.97 -1.25 9.15
C3 OLA J . -13.12 -2.43 9.61
C4 OLA J . -11.69 -2.01 9.93
C5 OLA J . -10.88 -3.11 10.61
C6 OLA J . -9.38 -2.83 10.60
C7 OLA J . -8.94 -1.89 11.74
C8 OLA J . -8.71 -2.61 13.07
C9 OLA J . -7.31 -2.40 13.59
C10 OLA J . -7.00 -1.47 14.49
C11 OLA J . -8.03 -0.54 15.09
C1 OLA K . -9.95 -12.43 -8.18
O1 OLA K . -10.49 -11.43 -7.64
O2 OLA K . -10.38 -12.92 -9.24
C2 OLA K . -8.73 -13.07 -7.55
C3 OLA K . -8.16 -12.26 -6.37
C4 OLA K . -7.02 -13.01 -5.70
C5 OLA K . -6.07 -12.06 -4.98
C6 OLA K . -5.06 -12.86 -4.16
C7 OLA K . -3.94 -11.99 -3.62
C8 OLA K . -3.63 -12.34 -2.16
C9 OLA K . -2.24 -11.88 -1.80
C1 OLA L . -12.96 -4.17 3.58
O1 OLA L . -13.62 -3.12 3.65
O2 OLA L . -12.62 -4.65 2.48
C2 OLA L . -12.55 -4.88 4.86
C3 OLA L . -11.04 -4.97 5.02
C4 OLA L . -10.65 -6.09 5.98
C5 OLA L . -9.46 -5.73 6.86
C6 OLA L . -8.89 -6.95 7.57
C7 OLA L . -7.45 -6.74 8.02
C8 OLA L . -6.98 -7.79 9.00
C9 OLA L . -6.06 -7.18 10.03
C10 OLA L . -6.05 -7.59 11.31
C11 OLA L . -6.94 -8.69 11.81
C9 OLC M . 13.76 14.75 8.24
C8 OLC M . 13.79 15.37 9.63
C24 OLC M . 23.91 13.41 15.55
C7 OLC M . 14.30 14.37 10.66
C6 OLC M . 15.77 14.03 10.47
C5 OLC M . 16.50 13.84 11.80
C4 OLC M . 17.71 12.92 11.66
C3 OLC M . 18.24 12.52 13.04
C2 OLC M . 19.44 11.58 12.93
C21 OLC M . 22.52 11.33 15.26
C1 OLC M . 20.25 11.61 14.21
C22 OLC M . 23.87 11.99 14.97
O19 OLC M . 19.71 11.69 15.31
O25 OLC M . 24.98 13.59 16.48
O23 OLC M . 24.93 11.17 15.50
O20 OLC M . 21.68 11.55 14.12
C1 PGE N . 16.00 -7.56 -18.82
O1 PGE N . 15.45 -8.06 -20.04
C2 PGE N . 16.26 -8.68 -17.83
O2 PGE N . 15.99 -8.22 -16.50
C3 PGE N . 15.49 -9.22 -15.62
C4 PGE N . 14.53 -8.60 -14.61
O4 PGE N . 10.08 -8.18 -13.45
C6 PGE N . 10.90 -9.08 -14.19
C5 PGE N . 12.35 -8.88 -13.76
O3 PGE N . 13.19 -9.01 -14.91
C1 PGE O . 27.37 0.58 -5.37
O1 PGE O . 26.37 0.84 -6.37
C2 PGE O . 27.07 -0.75 -4.68
O2 PGE O . 26.96 -0.54 -3.28
C3 PGE O . 27.85 -1.33 -2.48
C4 PGE O . 27.27 -2.73 -2.32
O4 PGE O . 26.97 -6.09 1.02
C6 PGE O . 27.86 -5.11 0.47
C5 PGE O . 27.19 -4.53 -0.76
O3 PGE O . 27.89 -3.36 -1.19
C1 OLA P . 14.97 -21.97 10.72
O1 OLA P . 15.45 -23.02 10.20
O2 OLA P . 14.78 -21.87 11.94
C2 OLA P . 14.60 -20.82 9.82
C3 OLA P . 13.27 -21.08 9.13
C4 OLA P . 13.04 -20.16 7.92
C5 OLA P . 12.65 -18.75 8.35
C6 OLA P . 11.77 -18.07 7.29
C7 OLA P . 12.05 -16.57 7.17
C8 OLA P . 11.42 -16.00 5.90
C9 OLA P . 9.91 -16.01 6.04
C10 OLA P . 9.09 -16.16 5.00
C11 OLA P . 9.55 -16.36 3.58
C12 OLA P . 8.35 -16.59 2.66
C1 OLA Q . 11.02 -14.69 23.79
O1 OLA Q . 11.54 -15.28 22.82
O2 OLA Q . 11.59 -14.62 24.89
C2 OLA Q . 9.67 -14.04 23.63
C3 OLA Q . 9.14 -14.19 22.21
C4 OLA Q . 7.87 -13.38 21.99
C5 OLA Q . 7.88 -12.67 20.64
C6 OLA Q . 6.67 -11.76 20.53
C7 OLA Q . 6.13 -11.69 19.12
C8 OLA Q . 5.18 -10.52 18.96
C9 OLA Q . 4.61 -10.54 17.55
C10 OLA Q . 3.71 -9.64 17.16
C11 OLA Q . 3.21 -8.57 18.10
C1 OLA R . -2.67 23.52 0.72
O1 OLA R . -1.84 24.45 0.80
O2 OLA R . -3.31 23.28 -0.33
C2 OLA R . -2.92 22.67 1.93
C3 OLA R . -1.65 22.58 2.77
C4 OLA R . -1.69 21.43 3.77
C5 OLA R . -0.76 21.70 4.95
C6 OLA R . 0.12 20.50 5.29
O1 TLA S . 29.18 -8.48 21.93
O11 TLA S . 30.05 -9.07 19.99
C1 TLA S . 29.10 -8.62 20.69
C2 TLA S . 27.82 -8.27 19.98
O2 TLA S . 27.77 -8.92 18.71
C3 TLA S . 27.65 -6.76 19.79
O3 TLA S . 28.85 -6.23 19.23
C4 TLA S . 26.46 -6.45 18.90
O4 TLA S . 25.34 -6.85 19.21
O41 TLA S . 26.60 -5.78 17.86
CAB EJ4 T . 7.47 -0.37 -6.06
CAC EJ4 T . 6.77 0.75 -5.62
CAE EJ4 T . 5.20 2.53 -5.36
CAF EJ4 T . 3.98 2.01 -5.94
CAG EJ4 T . 3.10 1.13 -5.33
CAH EJ4 T . 2.18 0.78 -6.26
CAI EJ4 T . 1.12 -0.07 -6.21
CAJ EJ4 T . 0.28 -0.26 -7.32
CAK EJ4 T . 0.62 0.41 -8.51
CAL EJ4 T . 1.73 1.26 -8.52
CAM EJ4 T . 2.46 1.41 -7.40
CAO EJ4 T . 3.24 0.68 -3.97
CAP EJ4 T . 4.23 1.53 -3.14
CAR EJ4 T . 4.75 0.81 -1.92
CAT EJ4 T . 6.72 2.23 -1.78
CAU EJ4 T . 6.42 2.78 -3.14
CAV EJ4 T . 5.50 1.91 -4.01
CAW EJ4 T . 6.20 0.68 -4.36
CAX EJ4 T . 6.25 -0.38 -3.54
CAY EJ4 T . 6.96 -1.52 -3.97
CAZ EJ4 T . 7.56 -1.52 -5.25
NAN EJ4 T . 3.54 2.16 -7.19
NAS EJ4 T . 5.49 1.80 -1.02
OAA EJ4 T . 8.02 -0.30 -7.32
OAD EJ4 T . 6.46 1.96 -6.21
OAQ EJ4 T . 3.50 2.76 -2.66
CBA EJ4 T . 5.60 -0.32 -2.27
CBB EJ4 T . 5.87 1.38 0.34
CBC EJ4 T . 4.62 0.91 1.12
CBD EJ4 T . 4.34 -0.60 1.25
CBE EJ4 T . 4.90 0.14 2.44
NA NA U . 11.00 0.35 7.33
C1 PGE V . 19.01 -4.75 -14.95
O1 PGE V . 20.28 -4.27 -14.50
C2 PGE V . 18.11 -3.58 -15.33
O2 PGE V . 17.30 -3.95 -16.46
C3 PGE V . 16.21 -3.05 -16.66
C4 PGE V . 15.68 -3.13 -18.09
O4 PGE V . 11.39 -2.66 -20.14
C6 PGE V . 12.52 -3.43 -19.69
C5 PGE V . 13.75 -2.55 -19.45
O3 PGE V . 14.29 -2.75 -18.14
C10 OLC W . 21.73 12.75 6.27
C9 OLC W . 20.65 12.43 7.01
C11 OLC W . 22.32 11.95 5.13
C8 OLC W . 19.80 11.19 6.84
C24 OLC W . 23.14 6.61 18.30
C12 OLC W . 22.21 12.85 3.90
C7 OLC W . 19.80 10.41 8.14
C15 OLC W . 22.59 12.91 0.13
C13 OLC W . 22.35 12.14 2.57
C6 OLC W . 21.14 9.78 8.41
C14 OLC W . 21.81 13.01 1.44
C5 OLC W . 21.11 8.91 9.65
C4 OLC W . 22.45 8.31 9.85
C3 OLC W . 22.43 7.37 11.05
C2 OLC W . 22.39 8.08 12.38
C21 OLC W . 22.89 6.70 15.88
C1 OLC W . 22.80 7.13 13.47
C22 OLC W . 22.89 7.53 17.14
O19 OLC W . 23.16 5.96 13.28
O25 OLC W . 24.54 6.33 18.36
O23 OLC W . 23.97 8.45 17.01
O20 OLC W . 22.73 7.59 14.80
C18 OLC X . 17.95 13.70 1.93
C10 OLC X . 11.18 15.85 2.81
C9 OLC X . 10.84 16.88 2.03
C17 OLC X . 17.99 12.40 2.71
C11 OLC X . 11.84 14.58 2.32
C8 OLC X . 11.04 16.93 0.54
C24 OLC X . 10.60 20.17 -11.15
C16 OLC X . 16.92 12.32 3.80
C12 OLC X . 12.38 13.85 3.55
C7 OLC X . 10.82 18.36 0.07
C15 OLC X . 15.54 12.79 3.28
C13 OLC X . 13.06 12.52 3.22
C6 OLC X . 11.37 18.65 -1.32
C14 OLC X . 14.33 12.28 4.05
C5 OLC X . 11.68 20.13 -1.56
C4 OLC X . 11.37 20.56 -3.00
C3 OLC X . 12.57 20.46 -3.93
C2 OLC X . 12.29 19.67 -5.21
C21 OLC X . 11.49 20.26 -8.82
C1 OLC X . 11.75 20.49 -6.34
C22 OLC X . 10.25 20.49 -9.70
O19 OLC X . 11.82 21.71 -6.31
O25 OLC X . 11.96 20.53 -11.41
O23 OLC X . 9.12 19.69 -9.32
O20 OLC X . 11.16 19.85 -7.50
#